data_5GRJ
#
_entry.id   5GRJ
#
_cell.length_a   120.870
_cell.length_b   98.151
_cell.length_c   62.036
_cell.angle_alpha   90.00
_cell.angle_beta   108.43
_cell.angle_gamma   90.00
#
_symmetry.space_group_name_H-M   'C 1 2 1'
#
loop_
_entity.id
_entity.type
_entity.pdbx_description
1 polymer 'avelumab H chain'
2 polymer 'avelumab L chain'
3 polymer 'Programmed cell death 1 ligand 1'
#
loop_
_entity_poly.entity_id
_entity_poly.type
_entity_poly.pdbx_seq_one_letter_code
_entity_poly.pdbx_strand_id
1 'polypeptide(L)'
;EVQLLESGGGLVQPGGSLRLSCAASGFTFSSYIMMWVRQAPGKGLEWVSSIYPSGGITFYADTVKGRFTISRDNSKNTLY
LQMNSLRAEDTAVYYCARIKLGTVTTVDYWGQGTLVTVSS
;
H
2 'polypeptide(L)'
;QSALTQPASVSGSPGQSITISCTGTSSDVGGYNYVSWYQQHPGKAPKLMIYDVSNRPSGVSNRFSGSKSGNTASLTISGL
QAEDEADYYCSSYTSSSTRVFGTGTKVTVL
;
L
3 'polypeptide(L)'
;AFTVTVPKDLYVVEYGSNMTIECKFPVEKQLDLAALIVYWEMEDKNIIQFVHGEEDLKVQHSSYRQRARLLKDQLSLGNA
ALQITDVKLQDAGVYRCMISYGGADYKRITVKVNAPYNKINQRILVVDPVTSEHELTCQAEGYPKAEVIWTSSDHQVLSG
KTTTTNSKREEKLFNVTSTLRINTTTNEIFYCTFRRLDPEENHTAELVIPELPLAHPPNER
;
A
#
# COMPACT_ATOMS: atom_id res chain seq x y z
N GLU A 1 -11.65 25.33 4.60
CA GLU A 1 -12.39 24.96 3.40
C GLU A 1 -12.98 23.52 3.55
N VAL A 2 -12.81 22.92 4.74
CA VAL A 2 -13.39 21.62 5.07
C VAL A 2 -13.70 21.59 6.56
N GLN A 3 -14.80 20.96 6.93
CA GLN A 3 -15.20 20.89 8.33
C GLN A 3 -15.94 19.58 8.58
N LEU A 4 -15.64 18.94 9.71
CA LEU A 4 -16.34 17.73 10.11
C LEU A 4 -16.77 17.90 11.56
N LEU A 5 -18.08 17.81 11.80
CA LEU A 5 -18.68 18.23 13.06
C LEU A 5 -19.39 17.04 13.71
N GLU A 6 -18.80 16.48 14.74
CA GLU A 6 -19.43 15.39 15.45
C GLU A 6 -20.45 15.95 16.43
N SER A 7 -21.59 15.28 16.54
CA SER A 7 -22.65 15.72 17.44
C SER A 7 -23.46 14.51 17.89
N GLY A 8 -24.03 14.59 19.09
CA GLY A 8 -24.84 13.51 19.60
C GLY A 8 -24.31 12.76 20.82
N GLY A 9 -23.01 12.86 21.11
CA GLY A 9 -22.49 12.13 22.25
C GLY A 9 -22.79 12.81 23.59
N GLY A 10 -22.77 11.98 24.63
CA GLY A 10 -23.08 12.46 25.97
C GLY A 10 -22.95 11.35 26.98
N LEU A 11 -23.57 11.55 28.14
CA LEU A 11 -23.55 10.53 29.18
C LEU A 11 -24.75 9.60 28.95
N VAL A 12 -24.45 8.31 28.82
CA VAL A 12 -25.47 7.28 28.72
C VAL A 12 -25.03 6.07 29.54
N GLN A 13 -26.03 5.38 30.09
CA GLN A 13 -25.80 4.20 30.91
C GLN A 13 -25.15 3.10 30.09
N PRO A 14 -24.50 2.13 30.74
CA PRO A 14 -24.12 0.90 30.03
C PRO A 14 -25.34 0.08 29.63
N GLY A 15 -25.37 -0.35 28.37
CA GLY A 15 -26.52 -0.98 27.78
C GLY A 15 -27.48 -0.06 27.06
N GLY A 16 -27.26 1.27 27.12
CA GLY A 16 -28.13 2.23 26.48
C GLY A 16 -27.84 2.42 25.00
N SER A 17 -28.38 3.51 24.44
CA SER A 17 -28.26 3.76 23.01
C SER A 17 -27.91 5.22 22.77
N LEU A 18 -27.11 5.45 21.74
CA LEU A 18 -26.66 6.78 21.37
C LEU A 18 -26.46 6.83 19.85
N ARG A 19 -26.87 7.93 19.23
CA ARG A 19 -26.67 8.12 17.80
C ARG A 19 -25.69 9.27 17.55
N LEU A 20 -24.52 8.93 17.03
CA LEU A 20 -23.48 9.91 16.73
C LEU A 20 -23.58 10.33 15.27
N SER A 21 -23.48 11.62 15.04
CA SER A 21 -23.59 12.19 13.70
C SER A 21 -22.27 12.85 13.36
N CYS A 22 -22.02 13.00 12.06
CA CYS A 22 -20.89 13.78 11.60
C CYS A 22 -21.38 14.65 10.45
N ALA A 23 -21.38 15.96 10.66
CA ALA A 23 -21.74 16.91 9.62
C ALA A 23 -20.52 17.13 8.75
N ALA A 24 -20.68 17.07 7.44
CA ALA A 24 -19.52 17.13 6.55
C ALA A 24 -19.65 18.25 5.51
N SER A 25 -18.65 19.13 5.55
CA SER A 25 -18.44 20.26 4.65
C SER A 25 -17.07 20.01 4.01
N GLY A 26 -16.92 20.28 2.72
CA GLY A 26 -15.64 20.06 2.08
C GLY A 26 -15.69 19.64 0.63
N PHE A 27 -14.90 18.63 0.28
CA PHE A 27 -14.87 18.17 -1.12
C PHE A 27 -16.10 17.32 -1.39
N THR A 28 -16.17 16.75 -2.60
CA THR A 28 -17.39 16.05 -2.97
C THR A 28 -17.45 14.74 -2.19
N PHE A 29 -18.31 14.72 -1.16
CA PHE A 29 -18.38 13.66 -0.15
C PHE A 29 -19.02 12.40 -0.71
N SER A 30 -19.65 12.50 -1.89
CA SER A 30 -20.21 11.33 -2.55
C SER A 30 -19.13 10.42 -3.11
N SER A 31 -17.87 10.87 -3.13
CA SER A 31 -16.77 10.06 -3.62
C SER A 31 -15.80 9.52 -2.55
N TYR A 32 -15.98 9.82 -1.27
CA TYR A 32 -14.98 9.49 -0.25
C TYR A 32 -15.32 8.25 0.57
N ILE A 33 -14.27 7.53 0.98
CA ILE A 33 -14.43 6.55 2.05
C ILE A 33 -14.38 7.28 3.39
N MET A 34 -15.30 6.97 4.27
CA MET A 34 -15.44 7.68 5.54
C MET A 34 -15.23 6.72 6.68
N MET A 35 -14.92 7.25 7.85
CA MET A 35 -14.48 6.38 8.91
C MET A 35 -14.77 6.99 10.27
N TRP A 36 -14.90 6.11 11.25
CA TRP A 36 -14.98 6.47 12.66
C TRP A 36 -13.76 5.90 13.36
N VAL A 37 -13.19 6.69 14.26
CA VAL A 37 -11.98 6.33 14.98
C VAL A 37 -12.12 6.85 16.40
N ARG A 38 -11.82 6.01 17.40
CA ARG A 38 -12.10 6.36 18.79
C ARG A 38 -10.81 6.50 19.57
N GLN A 39 -10.78 7.47 20.50
CA GLN A 39 -9.66 7.78 21.40
C GLN A 39 -10.15 7.66 22.85
N ALA A 40 -9.71 6.63 23.57
CA ALA A 40 -10.02 6.53 24.99
C ALA A 40 -9.18 7.54 25.76
N PRO A 41 -9.71 8.11 26.86
CA PRO A 41 -9.05 9.31 27.42
C PRO A 41 -7.63 8.99 27.84
N GLY A 42 -6.68 9.73 27.25
CA GLY A 42 -5.27 9.47 27.42
C GLY A 42 -4.71 8.29 26.64
N LYS A 43 -5.55 7.40 26.11
CA LYS A 43 -5.08 6.13 25.57
C LYS A 43 -4.78 6.27 24.07
N GLY A 44 -4.33 5.19 23.45
CA GLY A 44 -4.10 5.18 22.01
C GLY A 44 -5.41 5.33 21.24
N LEU A 45 -5.30 5.45 19.92
CA LEU A 45 -6.50 5.65 19.10
C LEU A 45 -6.71 4.48 18.15
N GLU A 46 -7.96 4.00 18.10
CA GLU A 46 -8.33 2.78 17.39
C GLU A 46 -9.39 3.07 16.34
N TRP A 47 -9.36 2.28 15.27
CA TRP A 47 -10.36 2.36 14.21
C TRP A 47 -11.55 1.49 14.56
N VAL A 48 -12.74 2.06 14.44
CA VAL A 48 -13.94 1.29 14.69
C VAL A 48 -14.66 0.89 13.39
N SER A 49 -15.03 1.87 12.54
CA SER A 49 -15.90 1.56 11.41
C SER A 49 -15.51 2.30 10.13
N SER A 50 -15.73 1.63 9.00
CA SER A 50 -15.57 2.17 7.66
C SER A 50 -16.90 2.10 6.91
N ILE A 51 -17.04 2.98 5.93
CA ILE A 51 -18.14 2.87 4.98
C ILE A 51 -17.65 3.33 3.62
N TYR A 52 -17.99 2.59 2.59
CA TYR A 52 -17.61 3.00 1.24
C TYR A 52 -18.59 4.04 0.72
N PRO A 53 -18.24 4.80 -0.33
CA PRO A 53 -19.09 5.94 -0.70
C PRO A 53 -20.53 5.56 -0.97
N SER A 54 -20.75 4.56 -1.84
CA SER A 54 -22.08 4.11 -2.18
C SER A 54 -22.02 2.64 -2.53
N GLY A 55 -23.16 1.98 -2.44
CA GLY A 55 -23.21 0.55 -2.41
C GLY A 55 -23.43 -0.04 -1.04
N GLY A 56 -23.22 0.75 0.02
CA GLY A 56 -23.52 0.27 1.35
C GLY A 56 -22.56 -0.79 1.86
N ILE A 57 -21.34 -0.80 1.36
CA ILE A 57 -20.30 -1.64 1.94
C ILE A 57 -19.78 -0.94 3.19
N THR A 58 -19.75 -1.68 4.29
CA THR A 58 -19.33 -1.18 5.59
C THR A 58 -18.33 -2.16 6.20
N PHE A 59 -17.61 -1.68 7.21
CA PHE A 59 -16.70 -2.53 7.98
C PHE A 59 -16.66 -2.08 9.44
N TYR A 60 -16.42 -3.04 10.35
CA TYR A 60 -16.44 -2.80 11.80
C TYR A 60 -15.28 -3.54 12.48
N ALA A 61 -14.70 -2.92 13.51
CA ALA A 61 -13.66 -3.56 14.29
C ALA A 61 -14.24 -4.66 15.17
N ASP A 62 -13.43 -5.69 15.45
CA ASP A 62 -13.96 -6.90 16.08
C ASP A 62 -14.66 -6.62 17.41
N THR A 63 -14.06 -5.77 18.26
CA THR A 63 -14.72 -5.37 19.50
C THR A 63 -16.14 -4.92 19.24
N VAL A 64 -16.32 -4.15 18.18
CA VAL A 64 -17.56 -3.43 17.91
C VAL A 64 -18.54 -4.19 17.02
N LYS A 65 -18.11 -5.29 16.40
CA LYS A 65 -18.93 -6.00 15.42
C LYS A 65 -20.27 -6.42 16.05
N GLY A 66 -21.36 -5.96 15.44
CA GLY A 66 -22.71 -6.43 15.70
C GLY A 66 -23.59 -5.51 16.54
N ARG A 67 -23.00 -4.72 17.43
CA ARG A 67 -23.77 -3.71 18.16
C ARG A 67 -23.54 -2.27 17.70
N PHE A 68 -22.65 -2.05 16.71
CA PHE A 68 -22.53 -0.75 16.05
C PHE A 68 -22.88 -0.89 14.56
N THR A 69 -23.57 0.11 14.02
CA THR A 69 -23.90 0.13 12.60
C THR A 69 -23.71 1.56 12.09
N ILE A 70 -23.09 1.67 10.92
CA ILE A 70 -22.67 2.93 10.32
C ILE A 70 -23.52 3.17 9.08
N SER A 71 -23.73 4.44 8.73
CA SER A 71 -24.48 4.76 7.52
C SER A 71 -24.04 6.12 6.98
N ARG A 72 -24.61 6.54 5.85
CA ARG A 72 -24.25 7.84 5.28
C ARG A 72 -25.26 8.35 4.24
N ASP A 73 -25.63 9.63 4.32
CA ASP A 73 -26.58 10.18 3.35
C ASP A 73 -25.73 11.05 2.43
N ASN A 74 -25.55 10.63 1.18
CA ASN A 74 -24.56 11.34 0.38
C ASN A 74 -25.12 12.66 -0.13
N SER A 75 -26.44 12.80 -0.10
CA SER A 75 -27.09 14.05 -0.45
C SER A 75 -26.94 15.05 0.69
N LYS A 76 -27.47 14.71 1.87
CA LYS A 76 -27.32 15.48 3.11
C LYS A 76 -25.87 15.55 3.59
N ASN A 77 -24.97 14.85 2.88
CA ASN A 77 -23.50 14.89 3.06
C ASN A 77 -23.15 14.81 4.54
N THR A 78 -23.72 13.81 5.21
CA THR A 78 -23.39 13.53 6.61
C THR A 78 -23.19 12.03 6.78
N LEU A 79 -22.82 11.67 8.01
CA LEU A 79 -22.38 10.31 8.33
C LEU A 79 -22.81 10.00 9.75
N TYR A 80 -23.27 8.78 9.99
CA TYR A 80 -23.88 8.43 11.27
C TYR A 80 -23.21 7.18 11.81
N LEU A 81 -23.31 7.02 13.12
CA LEU A 81 -22.92 5.79 13.80
C LEU A 81 -23.95 5.45 14.86
N GLN A 82 -24.61 4.30 14.72
CA GLN A 82 -25.58 3.85 15.71
C GLN A 82 -24.89 2.92 16.68
N MET A 83 -25.05 3.20 17.97
CA MET A 83 -24.39 2.51 19.06
C MET A 83 -25.47 1.85 19.92
N ASN A 84 -25.37 0.54 20.10
CA ASN A 84 -26.40 -0.26 20.78
C ASN A 84 -25.76 -1.07 21.91
N SER A 85 -26.43 -1.08 23.07
CA SER A 85 -25.94 -1.79 24.24
C SER A 85 -24.47 -1.49 24.47
N LEU A 86 -24.20 -0.21 24.75
CA LEU A 86 -22.82 0.22 24.89
C LEU A 86 -22.17 -0.53 26.03
N ARG A 87 -21.04 -1.17 25.75
CA ARG A 87 -20.32 -1.80 26.83
C ARG A 87 -19.55 -0.72 27.58
N ALA A 88 -18.89 -1.12 28.67
CA ALA A 88 -18.12 -0.15 29.44
C ALA A 88 -16.81 0.21 28.74
N GLU A 89 -16.20 -0.75 28.03
CA GLU A 89 -14.96 -0.49 27.30
C GLU A 89 -15.16 0.40 26.08
N ASP A 90 -16.42 0.66 25.70
CA ASP A 90 -16.77 1.48 24.55
C ASP A 90 -16.73 2.98 24.83
N THR A 91 -16.37 3.37 26.04
CA THR A 91 -16.33 4.78 26.42
C THR A 91 -15.03 5.50 26.05
N ALA A 92 -15.09 6.30 24.99
CA ALA A 92 -13.94 7.07 24.51
C ALA A 92 -14.39 8.19 23.56
N VAL A 93 -13.46 9.05 23.16
CA VAL A 93 -13.76 10.13 22.24
C VAL A 93 -14.00 9.53 20.87
N TYR A 94 -14.86 10.14 20.07
CA TYR A 94 -15.14 9.56 18.76
C TYR A 94 -14.83 10.54 17.64
N TYR A 95 -13.92 10.14 16.73
CA TYR A 95 -13.47 10.96 15.61
C TYR A 95 -14.08 10.46 14.30
N CYS A 96 -14.28 11.39 13.37
CA CYS A 96 -14.87 11.13 12.07
C CYS A 96 -13.85 11.51 11.00
N ALA A 97 -13.33 10.52 10.28
CA ALA A 97 -12.10 10.70 9.53
C ALA A 97 -12.30 10.42 8.06
N ARG A 98 -11.85 11.34 7.23
CA ARG A 98 -11.97 11.23 5.78
C ARG A 98 -10.74 10.57 5.18
N ILE A 99 -10.97 9.63 4.27
CA ILE A 99 -9.89 8.82 3.71
C ILE A 99 -9.38 9.48 2.43
N LYS A 100 -8.10 9.87 2.43
CA LYS A 100 -7.48 10.53 1.28
C LYS A 100 -7.77 9.78 -0.01
N LEU A 101 -8.08 10.54 -1.06
CA LEU A 101 -8.46 9.93 -2.33
C LEU A 101 -7.36 9.01 -2.81
N GLY A 102 -7.74 7.89 -3.40
CA GLY A 102 -6.73 6.94 -3.85
C GLY A 102 -6.47 5.98 -2.73
N THR A 103 -6.07 6.47 -1.56
CA THR A 103 -5.78 5.58 -0.44
C THR A 103 -7.01 4.96 0.22
N VAL A 104 -7.00 3.63 0.38
CA VAL A 104 -8.11 2.94 1.03
C VAL A 104 -8.22 3.27 2.52
N THR A 105 -7.10 3.24 3.24
CA THR A 105 -7.12 3.33 4.70
C THR A 105 -6.56 4.63 5.29
N THR A 106 -6.03 5.57 4.50
CA THR A 106 -5.24 6.67 5.06
C THR A 106 -6.10 7.92 5.26
N VAL A 107 -6.36 8.27 6.51
CA VAL A 107 -7.11 9.48 6.76
C VAL A 107 -6.19 10.68 6.53
N ASP A 108 -6.81 11.83 6.24
CA ASP A 108 -6.07 13.08 6.11
C ASP A 108 -6.75 14.19 6.92
N TYR A 109 -8.01 14.47 6.65
CA TYR A 109 -8.72 15.44 7.48
C TYR A 109 -9.45 14.71 8.60
N TRP A 110 -9.53 15.39 9.75
CA TRP A 110 -10.25 14.89 10.90
C TRP A 110 -11.18 15.96 11.45
N GLY A 111 -12.17 15.52 12.22
CA GLY A 111 -12.91 16.40 13.09
C GLY A 111 -12.33 16.38 14.47
N GLN A 112 -12.92 17.20 15.35
CA GLN A 112 -12.34 17.41 16.67
C GLN A 112 -12.88 16.46 17.74
N GLY A 113 -13.88 15.65 17.40
CA GLY A 113 -14.37 14.57 18.24
C GLY A 113 -15.73 14.87 18.86
N THR A 114 -16.23 13.87 19.58
CA THR A 114 -17.32 14.08 20.52
C THR A 114 -17.25 13.00 21.59
N LEU A 115 -17.58 13.39 22.83
CA LEU A 115 -17.43 12.53 23.99
C LEU A 115 -18.56 11.52 24.08
N VAL A 116 -18.18 10.30 24.45
CA VAL A 116 -19.12 9.23 24.79
C VAL A 116 -18.71 8.70 26.14
N THR A 117 -19.65 8.63 27.07
CA THR A 117 -19.39 8.19 28.43
C THR A 117 -20.44 7.17 28.83
N VAL A 118 -19.97 6.00 29.28
CA VAL A 118 -20.81 4.83 29.53
C VAL A 118 -21.28 4.72 30.99
N SER B 2 -3.31 -5.50 19.21
CA SER B 2 -2.76 -4.89 18.01
C SER B 2 -2.54 -3.40 18.23
N ALA B 3 -1.28 -3.00 18.34
CA ALA B 3 -0.96 -1.59 18.49
C ALA B 3 0.46 -1.34 18.00
N LEU B 4 0.71 -0.09 17.60
CA LEU B 4 2.03 0.36 17.21
C LEU B 4 2.71 1.04 18.39
N THR B 5 3.95 0.62 18.67
CA THR B 5 4.68 1.01 19.88
C THR B 5 5.51 2.26 19.57
N GLN B 6 5.13 3.35 20.21
CA GLN B 6 5.74 4.67 20.09
C GLN B 6 6.24 5.11 21.46
N PRO B 7 7.53 5.33 21.69
CA PRO B 7 7.98 5.64 23.06
C PRO B 7 7.36 6.94 23.56
N ALA B 8 6.66 6.84 24.69
CA ALA B 8 5.69 7.86 25.08
C ALA B 8 6.37 9.17 25.43
N SER B 9 7.58 9.10 25.97
CA SER B 9 8.29 10.25 26.52
C SER B 9 9.53 10.51 25.67
N VAL B 10 9.47 11.56 24.84
CA VAL B 10 10.67 12.18 24.28
C VAL B 10 10.48 13.69 24.36
N SER B 11 11.59 14.43 24.22
CA SER B 11 11.62 15.86 24.50
C SER B 11 13.01 16.43 24.13
N GLY B 12 13.07 17.76 23.96
CA GLY B 12 14.27 18.43 23.44
C GLY B 12 14.00 19.91 23.22
N SER B 13 15.08 20.68 23.08
CA SER B 13 15.03 22.14 23.12
C SER B 13 15.14 22.74 21.71
N PRO B 14 14.97 24.07 21.56
CA PRO B 14 14.78 24.66 20.23
C PRO B 14 15.91 24.41 19.23
N GLY B 15 15.60 24.74 17.98
CA GLY B 15 16.53 24.57 16.88
C GLY B 15 17.21 23.21 16.94
N GLN B 16 16.47 22.18 17.30
CA GLN B 16 17.08 20.84 17.41
C GLN B 16 16.29 19.75 16.69
N SER B 17 16.98 18.67 16.34
CA SER B 17 16.36 17.56 15.67
C SER B 17 16.08 16.44 16.67
N ILE B 18 15.01 15.72 16.39
CA ILE B 18 14.40 14.72 17.26
C ILE B 18 13.69 13.70 16.40
N THR B 19 13.70 12.44 16.83
CA THR B 19 13.11 11.37 16.04
C THR B 19 12.28 10.44 16.93
N ILE B 20 10.98 10.42 16.69
CA ILE B 20 10.05 9.49 17.30
C ILE B 20 10.10 8.17 16.54
N SER B 21 9.99 7.07 17.28
CA SER B 21 10.05 5.75 16.69
C SER B 21 8.69 5.08 16.74
N CYS B 22 8.47 4.20 15.76
CA CYS B 22 7.22 3.47 15.58
C CYS B 22 7.58 2.07 15.12
N THR B 23 7.25 1.04 15.91
CA THR B 23 7.65 -0.33 15.54
C THR B 23 6.43 -1.24 15.51
N GLY B 24 6.50 -2.26 14.64
CA GLY B 24 5.35 -3.11 14.39
C GLY B 24 5.75 -4.36 13.63
N THR B 25 4.74 -5.13 13.21
CA THR B 25 4.99 -6.51 12.82
C THR B 25 5.44 -6.64 11.36
N SER B 26 5.85 -7.86 11.02
CA SER B 26 6.11 -8.23 9.63
C SER B 26 4.87 -8.05 8.79
N SER B 27 3.71 -7.95 9.44
CA SER B 27 2.43 -7.90 8.79
C SER B 27 1.85 -6.50 8.65
N ASP B 28 2.46 -5.47 9.24
CA ASP B 28 1.87 -4.15 9.00
C ASP B 28 2.85 -3.03 8.66
N VAL B 29 3.61 -2.54 9.64
CA VAL B 29 4.47 -1.40 9.33
C VAL B 29 5.70 -1.89 8.59
N GLY B 30 6.10 -3.13 8.82
CA GLY B 30 7.26 -3.67 8.16
C GLY B 30 7.00 -4.34 6.85
N GLY B 31 5.73 -4.54 6.51
CA GLY B 31 5.36 -5.22 5.28
C GLY B 31 4.88 -4.31 4.16
N TYR B 32 4.54 -3.08 4.51
CA TYR B 32 3.95 -2.17 3.54
C TYR B 32 4.57 -0.79 3.63
N ASN B 33 4.55 -0.11 2.49
CA ASN B 33 5.07 1.23 2.34
C ASN B 33 4.05 2.29 2.70
N TYR B 34 2.96 1.91 3.37
CA TYR B 34 1.94 2.88 3.74
C TYR B 34 2.05 3.06 5.24
N VAL B 35 2.65 4.18 5.66
CA VAL B 35 2.70 4.55 7.07
C VAL B 35 2.53 6.06 7.17
N SER B 36 1.54 6.48 7.94
CA SER B 36 1.17 7.88 8.01
C SER B 36 1.40 8.39 9.42
N TRP B 37 1.68 9.67 9.51
CA TRP B 37 2.00 10.30 10.78
C TRP B 37 1.03 11.44 11.00
N TYR B 38 0.56 11.59 12.24
CA TYR B 38 -0.45 12.57 12.57
C TYR B 38 -0.04 13.41 13.78
N GLN B 39 -0.20 14.73 13.64
CA GLN B 39 0.15 15.71 14.67
C GLN B 39 -1.10 16.38 15.25
N GLN B 40 -1.24 16.33 16.58
CA GLN B 40 -2.37 16.98 17.25
C GLN B 40 -1.91 17.60 18.57
N HIS B 41 -2.29 18.86 18.79
CA HIS B 41 -2.12 19.38 20.14
C HIS B 41 -3.27 18.86 21.01
N PRO B 42 -3.08 18.74 22.33
CA PRO B 42 -4.13 18.17 23.19
C PRO B 42 -5.52 18.78 22.97
N GLY B 43 -6.55 17.92 22.88
CA GLY B 43 -7.92 18.36 22.69
C GLY B 43 -8.19 19.23 21.48
N LYS B 44 -7.85 18.73 20.28
CA LYS B 44 -7.81 19.52 19.05
C LYS B 44 -8.02 18.56 17.87
N ALA B 45 -7.64 18.98 16.66
CA ALA B 45 -8.08 18.37 15.40
C ALA B 45 -6.96 17.69 14.63
N PRO B 46 -6.72 16.37 14.84
CA PRO B 46 -5.51 15.71 14.30
C PRO B 46 -5.22 16.02 12.84
N LYS B 47 -3.96 16.28 12.57
CA LYS B 47 -3.48 16.83 11.31
C LYS B 47 -2.56 15.81 10.66
N LEU B 48 -2.91 15.37 9.47
CA LEU B 48 -1.98 14.56 8.69
C LEU B 48 -0.76 15.37 8.35
N MET B 49 0.41 14.83 8.69
CA MET B 49 1.71 15.43 8.48
C MET B 49 2.46 14.75 7.34
N ILE B 50 2.74 13.44 7.44
CA ILE B 50 3.24 12.70 6.28
C ILE B 50 2.45 11.40 6.10
N TYR B 51 2.67 10.77 4.94
CA TYR B 51 1.95 9.59 4.48
C TYR B 51 2.83 8.80 3.50
N ASP B 52 2.48 7.55 3.25
CA ASP B 52 3.28 6.74 2.35
C ASP B 52 4.76 6.87 2.75
N VAL B 53 5.06 6.41 3.96
CA VAL B 53 6.42 6.43 4.52
C VAL B 53 7.11 7.79 4.67
N SER B 54 7.32 8.49 3.55
CA SER B 54 8.02 9.78 3.60
C SER B 54 7.22 10.98 3.11
N ASN B 55 6.10 10.80 2.40
CA ASN B 55 5.54 11.86 1.56
C ASN B 55 4.75 12.85 2.42
N ARG B 56 4.95 14.14 2.16
CA ARG B 56 4.20 15.08 2.99
C ARG B 56 3.40 16.01 2.09
N PRO B 57 2.18 16.35 2.49
CA PRO B 57 1.30 17.17 1.64
C PRO B 57 1.73 18.63 1.67
N SER B 58 1.27 19.37 0.67
CA SER B 58 1.57 20.79 0.63
C SER B 58 1.01 21.45 1.88
N GLY B 59 1.86 22.20 2.58
CA GLY B 59 1.45 22.87 3.79
C GLY B 59 1.99 22.30 5.09
N VAL B 60 2.95 21.39 5.05
CA VAL B 60 3.66 20.98 6.25
C VAL B 60 5.12 21.36 6.09
N SER B 61 5.64 22.09 7.07
CA SER B 61 7.01 22.62 6.99
C SER B 61 7.99 21.49 6.73
N ASN B 62 8.98 21.76 5.90
CA ASN B 62 10.03 20.79 5.56
C ASN B 62 10.76 20.30 6.79
N ARG B 63 10.54 20.94 7.93
CA ARG B 63 11.09 20.51 9.21
C ARG B 63 10.65 19.11 9.62
N PHE B 64 9.66 18.52 8.90
CA PHE B 64 9.14 17.18 9.11
C PHE B 64 9.48 16.26 7.93
N SER B 65 10.24 15.20 8.20
CA SER B 65 10.42 14.09 7.26
C SER B 65 10.14 12.79 7.98
N GLY B 66 10.08 11.70 7.22
CA GLY B 66 9.79 10.41 7.80
C GLY B 66 10.56 9.33 7.07
N SER B 67 10.74 8.21 7.77
CA SER B 67 11.65 7.16 7.36
C SER B 67 11.16 5.80 7.85
N LYS B 68 11.35 4.76 7.03
CA LYS B 68 11.07 3.39 7.46
C LYS B 68 12.29 2.54 7.15
N SER B 69 12.81 1.87 8.17
CA SER B 69 13.96 0.98 8.06
C SER B 69 13.50 -0.43 8.39
N GLY B 70 13.42 -1.30 7.39
CA GLY B 70 13.01 -2.65 7.75
C GLY B 70 11.65 -2.63 8.44
N ASN B 71 11.61 -3.06 9.71
CA ASN B 71 10.36 -3.10 10.48
C ASN B 71 10.01 -1.80 11.20
N THR B 72 10.94 -0.86 11.34
CA THR B 72 10.75 0.25 12.25
C THR B 72 10.71 1.57 11.49
N ALA B 73 9.79 2.46 11.85
CA ALA B 73 9.60 3.72 11.12
C ALA B 73 9.79 4.90 12.06
N SER B 74 10.20 6.03 11.49
CA SER B 74 10.69 7.13 12.30
C SER B 74 10.27 8.47 11.70
N LEU B 75 9.77 9.33 12.56
CA LEU B 75 9.35 10.68 12.18
C LEU B 75 10.32 11.66 12.80
N THR B 76 10.95 12.48 11.96
CA THR B 76 11.99 13.41 12.40
C THR B 76 11.48 14.83 12.29
N ILE B 77 11.73 15.64 13.33
CA ILE B 77 11.42 17.06 13.34
C ILE B 77 12.74 17.82 13.33
N SER B 78 12.86 18.79 12.42
CA SER B 78 14.05 19.64 12.38
C SER B 78 13.65 21.10 12.56
N GLY B 79 14.63 21.93 12.90
CA GLY B 79 14.36 23.30 13.31
C GLY B 79 13.34 23.36 14.42
N LEU B 80 13.42 22.41 15.35
CA LEU B 80 12.38 22.15 16.34
C LEU B 80 11.96 23.41 17.08
N GLN B 81 10.64 23.58 17.23
CA GLN B 81 10.00 24.73 17.86
C GLN B 81 9.02 24.27 18.93
N ALA B 82 8.52 25.21 19.75
CA ALA B 82 7.73 24.88 20.94
C ALA B 82 6.23 24.70 20.71
N GLU B 83 5.72 25.01 19.50
CA GLU B 83 4.35 24.66 19.15
C GLU B 83 4.22 23.17 18.86
N ASP B 84 5.31 22.57 18.41
CA ASP B 84 5.33 21.20 17.96
C ASP B 84 5.30 20.22 19.11
N GLU B 85 5.19 20.71 20.35
CA GLU B 85 5.12 19.81 21.50
C GLU B 85 3.66 19.42 21.66
N ALA B 86 3.38 18.16 21.32
CA ALA B 86 2.04 17.65 21.18
C ALA B 86 2.13 16.13 21.17
N ASP B 87 1.00 15.48 21.40
CA ASP B 87 0.99 14.03 21.23
C ASP B 87 0.98 13.71 19.73
N TYR B 88 1.89 12.83 19.30
CA TYR B 88 1.97 12.44 17.89
C TYR B 88 1.82 10.94 17.75
N TYR B 89 1.10 10.53 16.70
CA TYR B 89 0.79 9.13 16.44
C TYR B 89 1.25 8.76 15.04
N CYS B 90 1.76 7.52 14.89
CA CYS B 90 1.98 6.92 13.58
C CYS B 90 0.85 5.93 13.28
N SER B 91 0.83 5.45 12.04
CA SER B 91 -0.21 4.49 11.68
C SER B 91 0.23 3.76 10.41
N SER B 92 -0.34 2.57 10.23
CA SER B 92 0.05 1.70 9.12
C SER B 92 -1.16 0.94 8.62
N TYR B 93 -1.15 0.64 7.33
CA TYR B 93 -2.06 -0.34 6.78
C TYR B 93 -1.67 -1.74 7.28
N THR B 94 -2.61 -2.69 7.23
CA THR B 94 -2.33 -4.04 7.72
C THR B 94 -2.93 -5.10 6.82
N SER B 95 -2.36 -6.31 6.91
CA SER B 95 -2.76 -7.46 6.12
C SER B 95 -4.25 -7.73 6.21
N SER B 96 -4.91 -7.20 7.25
CA SER B 96 -6.36 -7.29 7.41
C SER B 96 -7.08 -6.17 6.69
N SER B 97 -6.34 -5.36 5.93
CA SER B 97 -6.87 -4.24 5.18
C SER B 97 -7.43 -3.15 6.12
N THR B 98 -6.72 -2.96 7.24
CA THR B 98 -7.08 -2.16 8.41
C THR B 98 -5.91 -1.22 8.72
N ARG B 99 -6.20 -0.08 9.39
CA ARG B 99 -5.11 0.79 9.83
C ARG B 99 -4.98 0.72 11.36
N VAL B 100 -3.83 0.19 11.83
CA VAL B 100 -3.42 0.22 13.23
C VAL B 100 -2.84 1.59 13.54
N PHE B 101 -2.95 2.02 14.78
CA PHE B 101 -2.38 3.29 15.17
C PHE B 101 -1.40 3.09 16.32
N GLY B 102 -0.58 4.09 16.55
CA GLY B 102 0.44 3.98 17.57
C GLY B 102 -0.02 4.47 18.92
N THR B 103 0.65 3.97 19.96
CA THR B 103 0.26 4.40 21.31
C THR B 103 0.44 5.90 21.49
N GLY B 104 1.27 6.51 20.66
CA GLY B 104 1.51 7.93 20.71
C GLY B 104 2.70 8.29 21.57
N THR B 105 3.38 9.35 21.15
CA THR B 105 4.49 9.92 21.90
C THR B 105 4.17 11.37 22.17
N LYS B 106 4.51 11.82 23.38
CA LYS B 106 4.31 13.20 23.80
C LYS B 106 5.68 13.86 23.78
N VAL B 107 5.88 14.75 22.81
CA VAL B 107 7.08 15.57 22.71
C VAL B 107 6.81 16.89 23.41
N THR B 108 7.82 17.40 24.13
CA THR B 108 7.69 18.57 24.99
C THR B 108 8.91 19.46 24.75
N VAL B 109 8.68 20.75 24.54
CA VAL B 109 9.81 21.68 24.36
C VAL B 109 10.18 22.38 25.66
N ALA C 1 -26.71 -14.31 0.98
CA ALA C 1 -26.15 -15.31 0.10
C ALA C 1 -25.59 -14.76 -1.21
N PHE C 2 -25.96 -13.54 -1.61
CA PHE C 2 -25.33 -12.95 -2.80
C PHE C 2 -23.83 -12.98 -2.64
N THR C 3 -23.13 -13.65 -3.54
CA THR C 3 -21.68 -13.78 -3.36
C THR C 3 -20.96 -13.50 -4.68
N VAL C 4 -19.73 -12.98 -4.52
CA VAL C 4 -18.77 -12.70 -5.57
C VAL C 4 -17.80 -13.86 -5.65
N THR C 5 -17.44 -14.26 -6.88
CA THR C 5 -16.61 -15.45 -7.15
C THR C 5 -15.50 -15.14 -8.15
N VAL C 6 -14.27 -15.52 -7.79
CA VAL C 6 -13.07 -15.30 -8.59
C VAL C 6 -12.59 -16.64 -9.14
N PRO C 7 -12.46 -16.77 -10.46
CA PRO C 7 -12.11 -18.09 -11.02
C PRO C 7 -10.71 -18.55 -10.66
N LYS C 8 -9.82 -17.63 -10.27
CA LYS C 8 -8.42 -17.90 -9.96
C LYS C 8 -8.04 -16.96 -8.81
N ASP C 9 -7.45 -17.52 -7.75
CA ASP C 9 -6.99 -16.69 -6.64
C ASP C 9 -5.51 -16.39 -6.72
N LEU C 10 -4.86 -16.78 -7.83
CA LEU C 10 -3.44 -16.54 -8.07
C LEU C 10 -3.22 -15.95 -9.45
N TYR C 11 -2.21 -15.09 -9.55
CA TYR C 11 -1.68 -14.71 -10.85
C TYR C 11 -0.16 -14.56 -10.78
N VAL C 12 0.53 -15.26 -11.65
CA VAL C 12 1.97 -15.11 -11.81
C VAL C 12 2.14 -14.46 -13.19
N VAL C 13 2.51 -13.18 -13.20
CA VAL C 13 2.52 -12.41 -14.44
C VAL C 13 3.90 -11.79 -14.61
N GLU C 14 4.42 -11.83 -15.84
CA GLU C 14 5.78 -11.37 -16.10
C GLU C 14 5.82 -9.86 -16.26
N TYR C 15 6.94 -9.25 -15.84
CA TYR C 15 7.12 -7.81 -15.87
C TYR C 15 6.73 -7.24 -17.22
N GLY C 16 6.07 -6.09 -17.19
CA GLY C 16 5.72 -5.36 -18.40
C GLY C 16 4.60 -5.93 -19.25
N SER C 17 4.09 -7.14 -18.96
CA SER C 17 3.02 -7.69 -19.80
C SER C 17 1.68 -7.06 -19.42
N ASN C 18 0.61 -7.69 -19.91
CA ASN C 18 -0.74 -7.29 -19.59
C ASN C 18 -1.48 -8.47 -18.94
N MET C 19 -2.43 -8.15 -18.06
CA MET C 19 -3.29 -9.17 -17.45
C MET C 19 -4.68 -8.61 -17.23
N THR C 20 -5.67 -9.47 -17.41
CA THR C 20 -7.03 -9.20 -16.96
C THR C 20 -7.24 -10.03 -15.69
N ILE C 21 -7.74 -9.40 -14.64
CA ILE C 21 -8.21 -10.09 -13.44
C ILE C 21 -9.74 -10.06 -13.44
N GLU C 22 -10.36 -11.12 -12.95
CA GLU C 22 -11.80 -11.35 -13.13
C GLU C 22 -12.53 -11.42 -11.79
N CYS C 23 -13.74 -10.84 -11.74
CA CYS C 23 -14.69 -11.08 -10.66
C CYS C 23 -16.05 -11.35 -11.26
N LYS C 24 -16.77 -12.25 -10.65
CA LYS C 24 -18.07 -12.68 -11.16
C LYS C 24 -19.14 -12.36 -10.13
N PHE C 25 -20.30 -11.87 -10.60
CA PHE C 25 -21.36 -11.64 -9.65
C PHE C 25 -22.72 -11.95 -10.25
N PRO C 26 -23.64 -12.52 -9.46
CA PRO C 26 -24.91 -13.00 -10.02
C PRO C 26 -25.65 -11.91 -10.77
N VAL C 27 -26.14 -12.26 -11.94
CA VAL C 27 -27.00 -11.40 -12.75
C VAL C 27 -28.11 -12.28 -13.33
N GLU C 28 -29.35 -11.80 -13.23
CA GLU C 28 -30.49 -12.45 -13.84
C GLU C 28 -31.19 -11.46 -14.73
N LYS C 29 -31.76 -11.97 -15.82
CA LYS C 29 -32.32 -11.17 -16.91
C LYS C 29 -31.25 -10.13 -17.30
N GLN C 30 -31.58 -8.85 -17.32
CA GLN C 30 -30.67 -7.84 -17.84
C GLN C 30 -30.08 -7.02 -16.69
N LEU C 31 -28.85 -6.57 -16.88
CA LEU C 31 -28.10 -5.84 -15.85
C LEU C 31 -28.55 -4.38 -15.76
N ASP C 32 -28.95 -3.95 -14.57
CA ASP C 32 -29.32 -2.56 -14.33
C ASP C 32 -28.04 -1.83 -13.92
N LEU C 33 -27.52 -1.00 -14.84
CA LEU C 33 -26.25 -0.32 -14.60
C LEU C 33 -26.39 0.90 -13.71
N ALA C 34 -27.60 1.40 -13.52
CA ALA C 34 -27.79 2.44 -12.53
C ALA C 34 -27.45 1.92 -11.14
N ALA C 35 -27.78 0.66 -10.87
CA ALA C 35 -27.69 0.08 -9.55
C ALA C 35 -26.39 -0.67 -9.31
N LEU C 36 -25.52 -0.78 -10.31
CA LEU C 36 -24.23 -1.47 -10.16
C LEU C 36 -23.17 -0.55 -9.56
N ILE C 37 -22.38 -1.10 -8.62
CA ILE C 37 -21.22 -0.44 -8.02
C ILE C 37 -20.06 -1.43 -7.98
N VAL C 38 -18.91 -1.03 -8.52
CA VAL C 38 -17.69 -1.84 -8.49
C VAL C 38 -16.61 -1.03 -7.77
N TYR C 39 -15.70 -1.74 -7.10
CA TYR C 39 -14.49 -1.14 -6.54
C TYR C 39 -13.33 -2.08 -6.75
N TRP C 40 -12.18 -1.57 -7.20
CA TRP C 40 -10.97 -2.38 -7.30
C TRP C 40 -9.89 -1.69 -6.48
N GLU C 41 -9.18 -2.48 -5.67
CA GLU C 41 -8.20 -1.95 -4.74
C GLU C 41 -6.97 -2.84 -4.79
N MET C 42 -5.83 -2.27 -4.43
CA MET C 42 -4.67 -3.09 -4.16
C MET C 42 -3.95 -2.55 -2.94
N GLU C 43 -3.94 -3.32 -1.87
CA GLU C 43 -3.50 -2.89 -0.53
C GLU C 43 -4.16 -1.54 -0.26
N ASP C 44 -3.40 -0.50 0.11
CA ASP C 44 -3.88 0.82 0.53
C ASP C 44 -4.28 1.70 -0.62
N LYS C 45 -4.33 1.18 -1.83
CA LYS C 45 -4.44 1.99 -3.03
C LYS C 45 -5.77 1.69 -3.72
N ASN C 46 -6.62 2.71 -3.88
CA ASN C 46 -7.79 2.43 -4.69
C ASN C 46 -7.34 2.19 -6.12
N ILE C 47 -8.19 1.60 -6.93
CA ILE C 47 -7.81 1.44 -8.32
C ILE C 47 -8.95 1.99 -9.17
N ILE C 48 -10.11 1.37 -9.10
CA ILE C 48 -11.28 1.90 -9.78
C ILE C 48 -12.42 2.00 -8.78
N GLN C 49 -13.25 3.02 -8.98
CA GLN C 49 -14.49 3.21 -8.22
C GLN C 49 -15.61 3.47 -9.23
N PHE C 50 -16.38 2.43 -9.55
CA PHE C 50 -17.35 2.47 -10.64
C PHE C 50 -18.72 2.52 -9.99
N VAL C 51 -19.33 3.70 -10.00
CA VAL C 51 -20.67 3.91 -9.45
C VAL C 51 -21.57 4.40 -10.57
N HIS C 52 -22.69 3.72 -10.77
CA HIS C 52 -23.73 4.19 -11.69
C HIS C 52 -23.16 4.42 -13.08
N GLY C 53 -22.66 3.33 -13.68
CA GLY C 53 -22.20 3.33 -15.06
C GLY C 53 -21.16 4.37 -15.44
N GLU C 54 -20.56 5.02 -14.45
CA GLU C 54 -19.62 6.11 -14.68
C GLU C 54 -18.43 5.93 -13.77
N GLU C 55 -17.25 5.69 -14.36
CA GLU C 55 -16.07 5.32 -13.59
C GLU C 55 -15.42 6.56 -12.98
N ASP C 56 -15.37 6.66 -11.64
CA ASP C 56 -14.85 7.87 -10.98
C ASP C 56 -13.34 7.92 -11.13
N LEU C 57 -12.86 8.85 -11.95
CA LEU C 57 -11.46 8.91 -12.33
C LEU C 57 -10.71 10.03 -11.63
N LYS C 58 -11.42 10.88 -10.88
CA LYS C 58 -10.71 11.83 -10.04
C LYS C 58 -9.98 11.12 -8.94
N VAL C 59 -10.50 9.97 -8.50
CA VAL C 59 -10.00 9.28 -7.30
C VAL C 59 -9.10 8.08 -7.57
N GLN C 60 -8.98 7.62 -8.82
CA GLN C 60 -8.07 6.50 -9.08
C GLN C 60 -6.65 6.88 -8.67
N HIS C 61 -5.85 5.89 -8.30
CA HIS C 61 -4.51 6.18 -7.83
C HIS C 61 -3.64 6.78 -8.94
N SER C 62 -2.70 7.64 -8.53
CA SER C 62 -1.74 8.20 -9.48
C SER C 62 -1.00 7.08 -10.20
N SER C 63 -0.46 6.15 -9.42
CA SER C 63 0.38 5.14 -10.01
C SER C 63 -0.37 4.26 -10.99
N TYR C 64 -1.70 4.37 -11.06
CA TYR C 64 -2.44 3.56 -12.02
C TYR C 64 -2.95 4.29 -13.26
N ARG C 65 -2.75 5.60 -13.39
CA ARG C 65 -3.54 6.34 -14.38
C ARG C 65 -3.15 5.95 -15.81
N GLN C 66 -4.18 5.72 -16.64
CA GLN C 66 -4.08 5.28 -18.04
C GLN C 66 -3.38 3.93 -18.19
N ARG C 67 -3.43 3.09 -17.15
CA ARG C 67 -2.83 1.76 -17.19
C ARG C 67 -3.86 0.66 -16.98
N ALA C 68 -4.59 0.69 -15.87
CA ALA C 68 -5.56 -0.34 -15.50
C ALA C 68 -6.99 0.16 -15.63
N ARG C 69 -7.82 -0.62 -16.31
CA ARG C 69 -9.22 -0.29 -16.57
C ARG C 69 -10.13 -1.43 -16.16
N LEU C 70 -11.36 -1.08 -15.76
CA LEU C 70 -12.43 -2.05 -15.65
C LEU C 70 -13.05 -2.19 -17.02
N LEU C 71 -13.05 -3.40 -17.57
CA LEU C 71 -13.66 -3.65 -18.86
C LEU C 71 -15.15 -3.47 -18.68
N LYS C 72 -15.71 -2.44 -19.30
CA LYS C 72 -17.14 -2.16 -19.13
C LYS C 72 -18.02 -3.12 -19.91
N ASP C 73 -17.43 -3.89 -20.82
CA ASP C 73 -18.23 -4.73 -21.72
C ASP C 73 -18.69 -6.02 -21.07
N GLN C 74 -17.77 -6.76 -20.43
CA GLN C 74 -18.15 -8.07 -19.90
C GLN C 74 -19.21 -7.98 -18.79
N LEU C 75 -19.29 -6.82 -18.11
CA LEU C 75 -20.10 -6.70 -16.89
C LEU C 75 -21.50 -7.25 -17.09
N SER C 76 -22.09 -6.99 -18.26
CA SER C 76 -23.46 -7.40 -18.53
C SER C 76 -23.67 -8.91 -18.35
N LEU C 77 -22.59 -9.69 -18.38
CA LEU C 77 -22.62 -11.12 -18.04
C LEU C 77 -22.21 -11.42 -16.61
N GLY C 78 -22.08 -10.41 -15.77
CA GLY C 78 -21.75 -10.70 -14.40
C GLY C 78 -20.28 -10.80 -14.16
N ASN C 79 -19.47 -10.45 -15.14
CA ASN C 79 -18.02 -10.55 -15.07
C ASN C 79 -17.44 -9.14 -15.10
N ALA C 80 -16.94 -8.67 -13.95
CA ALA C 80 -16.33 -7.35 -13.84
C ALA C 80 -14.84 -7.55 -13.67
N ALA C 81 -14.09 -7.23 -14.72
CA ALA C 81 -12.69 -7.63 -14.84
C ALA C 81 -11.77 -6.42 -14.89
N LEU C 82 -10.74 -6.44 -14.04
CA LEU C 82 -9.72 -5.41 -14.05
C LEU C 82 -8.72 -5.75 -15.13
N GLN C 83 -8.48 -4.80 -16.03
CA GLN C 83 -7.47 -4.94 -17.07
C GLN C 83 -6.36 -3.98 -16.75
N ILE C 84 -5.23 -4.53 -16.37
CA ILE C 84 -4.00 -3.77 -16.31
C ILE C 84 -3.09 -4.27 -17.41
N THR C 85 -2.31 -3.33 -17.93
CA THR C 85 -1.30 -3.56 -18.97
C THR C 85 0.06 -3.03 -18.47
N ASP C 86 1.14 -3.46 -19.12
CA ASP C 86 2.51 -3.04 -18.74
C ASP C 86 2.75 -3.24 -17.23
N VAL C 87 2.42 -4.43 -16.76
CA VAL C 87 2.55 -4.84 -15.35
C VAL C 87 3.88 -4.31 -14.79
N LYS C 88 3.79 -3.47 -13.76
CA LYS C 88 4.90 -2.61 -13.41
C LYS C 88 5.74 -3.05 -12.20
N LEU C 89 5.58 -4.30 -11.76
CA LEU C 89 6.36 -4.81 -10.65
C LEU C 89 5.79 -4.45 -9.29
N GLN C 90 5.55 -3.16 -9.04
CA GLN C 90 5.02 -2.78 -7.73
C GLN C 90 3.55 -3.11 -7.63
N ASP C 91 2.98 -3.64 -8.72
CA ASP C 91 1.64 -4.20 -8.72
C ASP C 91 1.59 -5.57 -8.07
N ALA C 92 2.73 -6.17 -7.77
CA ALA C 92 2.73 -7.47 -7.12
C ALA C 92 2.21 -7.30 -5.70
N GLY C 93 1.26 -8.13 -5.33
CA GLY C 93 0.59 -7.99 -4.05
C GLY C 93 -0.86 -8.41 -4.20
N VAL C 94 -1.63 -8.18 -3.15
CA VAL C 94 -2.96 -8.75 -3.08
C VAL C 94 -3.99 -7.72 -3.51
N TYR C 95 -4.70 -8.02 -4.58
CA TYR C 95 -5.85 -7.20 -4.94
C TYR C 95 -7.08 -7.71 -4.22
N ARG C 96 -8.17 -6.95 -4.32
CA ARG C 96 -9.47 -7.48 -3.95
C ARG C 96 -10.50 -6.64 -4.67
N CYS C 97 -11.60 -7.27 -5.07
CA CYS C 97 -12.65 -6.63 -5.82
C CYS C 97 -13.92 -6.65 -4.98
N MET C 98 -14.76 -5.62 -5.14
CA MET C 98 -15.96 -5.49 -4.35
C MET C 98 -17.11 -5.08 -5.24
N ILE C 99 -18.19 -5.85 -5.20
CA ILE C 99 -19.37 -5.63 -6.02
C ILE C 99 -20.54 -5.39 -5.09
N SER C 100 -21.14 -4.21 -5.16
CA SER C 100 -22.48 -4.02 -4.59
C SER C 100 -23.46 -3.93 -5.75
N TYR C 101 -24.24 -4.99 -5.96
CA TYR C 101 -25.38 -4.94 -6.87
C TYR C 101 -26.49 -5.76 -6.23
N GLY C 102 -27.41 -5.07 -5.57
CA GLY C 102 -28.49 -5.60 -4.77
C GLY C 102 -27.97 -6.14 -3.45
N GLY C 103 -26.99 -7.03 -3.47
CA GLY C 103 -26.24 -7.39 -2.31
C GLY C 103 -24.80 -6.95 -2.48
N ALA C 104 -23.95 -7.42 -1.58
CA ALA C 104 -22.54 -7.07 -1.76
C ALA C 104 -21.68 -8.18 -1.20
N ASP C 105 -20.56 -8.44 -1.87
CA ASP C 105 -19.51 -9.31 -1.35
C ASP C 105 -18.24 -8.92 -2.08
N TYR C 106 -17.11 -9.37 -1.55
CA TYR C 106 -15.80 -9.09 -2.10
C TYR C 106 -14.93 -10.34 -1.98
N LYS C 107 -14.00 -10.48 -2.88
CA LYS C 107 -13.05 -11.54 -2.80
C LYS C 107 -11.69 -10.95 -3.14
N ARG C 108 -10.66 -11.43 -2.48
CA ARG C 108 -9.34 -10.92 -2.76
C ARG C 108 -8.59 -11.92 -3.55
N ILE C 109 -7.70 -11.42 -4.36
CA ILE C 109 -6.84 -12.24 -5.17
C ILE C 109 -5.45 -11.69 -5.15
N THR C 110 -4.48 -12.52 -5.42
CA THR C 110 -3.11 -12.01 -5.41
C THR C 110 -2.40 -12.16 -6.72
N VAL C 111 -1.43 -11.29 -6.96
CA VAL C 111 -0.62 -11.41 -8.13
C VAL C 111 0.80 -11.08 -7.77
N LYS C 112 1.69 -11.92 -8.26
CA LYS C 112 3.13 -11.71 -8.21
C LYS C 112 3.66 -11.52 -9.63
N VAL C 113 4.89 -11.01 -9.71
CA VAL C 113 5.49 -10.63 -10.97
C VAL C 113 6.90 -11.21 -11.11
N ASN C 114 7.17 -11.83 -12.26
CA ASN C 114 8.52 -12.24 -12.64
C ASN C 114 9.15 -11.12 -13.45
N ALA C 115 10.45 -11.26 -13.70
CA ALA C 115 11.12 -10.51 -14.77
C ALA C 115 12.30 -11.36 -15.24
N PRO C 116 12.12 -12.19 -16.27
CA PRO C 116 13.20 -13.09 -16.66
C PRO C 116 14.45 -12.29 -16.94
N TYR C 117 15.62 -12.89 -16.78
CA TYR C 117 16.81 -12.20 -17.29
C TYR C 117 17.16 -12.87 -18.61
N ASN C 118 16.47 -12.45 -19.68
CA ASN C 118 16.72 -13.09 -20.98
C ASN C 118 17.39 -12.21 -22.02
N LYS C 119 17.57 -10.91 -21.74
CA LYS C 119 18.45 -10.09 -22.55
C LYS C 119 19.73 -9.93 -21.76
N ILE C 120 20.76 -10.67 -22.18
CA ILE C 120 22.06 -10.71 -21.51
C ILE C 120 23.02 -9.85 -22.32
N ASN C 121 23.85 -9.08 -21.62
CA ASN C 121 24.83 -8.21 -22.25
C ASN C 121 26.22 -8.76 -21.99
N GLN C 122 27.00 -8.90 -23.06
CA GLN C 122 28.33 -9.48 -23.05
C GLN C 122 29.39 -8.39 -23.21
N ARG C 123 30.54 -8.59 -22.57
CA ARG C 123 31.71 -7.83 -22.97
C ARG C 123 32.90 -8.73 -22.80
N ILE C 124 33.79 -8.74 -23.79
CA ILE C 124 35.00 -9.55 -23.76
C ILE C 124 36.17 -8.62 -24.02
N LEU C 125 37.11 -8.56 -23.05
CA LEU C 125 38.31 -7.73 -23.10
C LEU C 125 39.51 -8.50 -22.57
N VAL C 126 40.71 -8.19 -23.15
CA VAL C 126 42.00 -8.62 -22.59
C VAL C 126 42.40 -7.62 -21.53
N VAL C 127 42.93 -8.08 -20.40
CA VAL C 127 43.59 -7.14 -19.50
C VAL C 127 45.10 -7.28 -19.50
N ASP C 128 45.65 -8.41 -19.98
CA ASP C 128 47.09 -8.64 -19.95
C ASP C 128 47.49 -9.47 -21.15
N PRO C 129 47.67 -8.83 -22.31
CA PRO C 129 47.89 -9.61 -23.55
C PRO C 129 48.95 -10.69 -23.39
N VAL C 130 50.00 -10.42 -22.62
CA VAL C 130 51.08 -11.42 -22.46
C VAL C 130 50.55 -12.68 -21.83
N THR C 131 49.90 -12.55 -20.69
CA THR C 131 49.31 -13.68 -20.01
C THR C 131 47.99 -14.09 -20.62
N SER C 132 47.51 -13.37 -21.64
CA SER C 132 46.21 -13.65 -22.24
C SER C 132 45.09 -13.62 -21.19
N GLU C 133 45.23 -12.78 -20.18
CA GLU C 133 44.16 -12.68 -19.20
C GLU C 133 43.03 -11.86 -19.77
N HIS C 134 41.88 -12.50 -19.95
CA HIS C 134 40.69 -11.83 -20.44
C HIS C 134 39.70 -11.60 -19.29
N GLU C 135 38.66 -10.83 -19.60
CA GLU C 135 37.62 -10.50 -18.63
C GLU C 135 36.28 -10.69 -19.33
N LEU C 136 35.53 -11.68 -18.90
CA LEU C 136 34.24 -12.00 -19.49
C LEU C 136 33.17 -11.42 -18.58
N THR C 137 32.20 -10.73 -19.18
CA THR C 137 31.23 -9.92 -18.44
C THR C 137 29.86 -10.19 -18.99
N CYS C 138 28.96 -10.72 -18.14
CA CYS C 138 27.53 -10.79 -18.41
C CYS C 138 26.76 -9.93 -17.41
N GLN C 139 25.74 -9.25 -17.92
CA GLN C 139 24.78 -8.58 -17.05
C GLN C 139 23.39 -8.85 -17.56
N ALA C 140 22.40 -8.57 -16.71
CA ALA C 140 21.02 -8.73 -17.14
C ALA C 140 20.13 -8.26 -16.00
N GLU C 141 18.87 -8.00 -16.33
CA GLU C 141 17.95 -7.41 -15.38
C GLU C 141 16.71 -8.26 -15.22
N GLY C 142 16.27 -8.45 -13.98
CA GLY C 142 15.05 -9.21 -13.75
C GLY C 142 14.62 -9.20 -12.30
N TYR C 143 13.54 -9.95 -12.05
CA TYR C 143 13.02 -10.12 -10.71
C TYR C 143 12.51 -11.54 -10.56
N PRO C 144 12.75 -12.15 -9.39
CA PRO C 144 13.53 -11.71 -8.23
C PRO C 144 15.03 -11.94 -8.40
N LYS C 145 15.83 -11.83 -7.33
CA LYS C 145 17.28 -11.91 -7.41
C LYS C 145 17.74 -13.15 -8.17
N ALA C 146 18.83 -13.01 -8.92
CA ALA C 146 19.40 -14.07 -9.74
C ALA C 146 20.85 -14.37 -9.35
N GLU C 147 21.31 -15.52 -9.80
CA GLU C 147 22.71 -15.91 -9.68
C GLU C 147 23.20 -16.41 -11.03
N VAL C 148 24.54 -16.37 -11.20
CA VAL C 148 25.20 -16.44 -12.49
C VAL C 148 26.27 -17.52 -12.45
N ILE C 149 26.18 -18.48 -13.37
CA ILE C 149 27.03 -19.65 -13.35
C ILE C 149 27.82 -19.65 -14.65
N TRP C 150 29.15 -19.69 -14.52
CA TRP C 150 30.08 -19.64 -15.66
C TRP C 150 30.55 -21.05 -16.01
N THR C 151 30.52 -21.40 -17.30
CA THR C 151 30.92 -22.73 -17.73
C THR C 151 31.76 -22.72 -19.00
N SER C 152 32.81 -23.55 -18.99
CA SER C 152 33.69 -23.71 -20.12
C SER C 152 33.03 -24.54 -21.22
N SER C 153 33.56 -24.39 -22.44
CA SER C 153 33.06 -25.14 -23.59
C SER C 153 32.97 -26.63 -23.32
N ASP C 154 33.88 -27.17 -22.51
CA ASP C 154 33.90 -28.58 -22.15
C ASP C 154 33.03 -28.87 -20.93
N HIS C 155 32.16 -27.92 -20.57
CA HIS C 155 31.09 -28.08 -19.58
C HIS C 155 31.59 -28.15 -18.14
N GLN C 156 32.76 -27.58 -17.87
CA GLN C 156 33.25 -27.46 -16.50
C GLN C 156 32.84 -26.10 -15.95
N VAL C 157 32.37 -26.08 -14.70
CA VAL C 157 32.02 -24.81 -14.07
C VAL C 157 33.30 -24.06 -13.61
N LEU C 158 33.23 -22.72 -13.63
CA LEU C 158 34.37 -21.85 -13.33
C LEU C 158 33.94 -20.76 -12.35
N SER C 159 34.91 -20.26 -11.58
CA SER C 159 34.66 -19.25 -10.55
C SER C 159 34.54 -17.86 -11.16
N GLY C 160 33.38 -17.23 -10.99
CA GLY C 160 33.17 -15.85 -11.36
C GLY C 160 33.04 -14.94 -10.15
N LYS C 161 32.93 -13.65 -10.42
CA LYS C 161 32.62 -12.64 -9.40
C LYS C 161 31.42 -11.80 -9.87
N THR C 162 30.40 -11.74 -9.02
CA THR C 162 29.13 -11.11 -9.40
C THR C 162 28.73 -10.02 -8.42
N THR C 163 27.86 -9.15 -8.91
CA THR C 163 27.37 -8.00 -8.17
C THR C 163 25.88 -7.88 -8.47
N THR C 164 25.07 -7.89 -7.42
CA THR C 164 23.65 -7.62 -7.54
C THR C 164 23.38 -6.21 -7.02
N THR C 165 22.34 -5.59 -7.57
CA THR C 165 22.07 -4.18 -7.33
C THR C 165 20.73 -3.84 -7.99
N ASN C 166 20.18 -2.67 -7.65
CA ASN C 166 18.89 -2.22 -8.15
C ASN C 166 19.02 -1.25 -9.31
N SER C 167 18.09 -1.34 -10.26
CA SER C 167 17.97 -0.40 -11.36
C SER C 167 17.52 1.01 -10.87
N GLU C 171 13.20 0.30 -11.48
CA GLU C 171 12.96 0.85 -10.14
C GLU C 171 13.47 -0.10 -9.06
N LYS C 172 12.64 -1.07 -8.69
CA LYS C 172 13.01 -2.04 -7.69
C LYS C 172 13.68 -3.23 -8.31
N LEU C 173 13.72 -3.20 -9.64
CA LEU C 173 14.33 -4.25 -10.46
C LEU C 173 15.74 -4.59 -10.00
N PHE C 174 16.15 -5.83 -10.28
CA PHE C 174 17.48 -6.32 -9.95
C PHE C 174 18.43 -6.21 -11.13
N ASN C 175 19.62 -5.66 -10.90
CA ASN C 175 20.65 -5.56 -11.92
C ASN C 175 21.84 -6.44 -11.51
N VAL C 176 22.15 -7.42 -12.34
CA VAL C 176 23.09 -8.46 -11.98
C VAL C 176 24.24 -8.42 -12.97
N THR C 177 25.44 -8.05 -12.49
CA THR C 177 26.67 -8.11 -13.27
C THR C 177 27.57 -9.18 -12.71
N SER C 178 28.19 -9.91 -13.61
CA SER C 178 29.12 -10.97 -13.24
C SER C 178 30.27 -10.95 -14.24
N THR C 179 31.50 -11.02 -13.74
CA THR C 179 32.63 -11.05 -14.63
C THR C 179 33.52 -12.22 -14.30
N LEU C 180 34.35 -12.58 -15.27
CA LEU C 180 35.16 -13.78 -15.18
C LEU C 180 36.53 -13.38 -15.67
N ARG C 181 37.58 -13.66 -14.89
CA ARG C 181 38.93 -13.34 -15.27
C ARG C 181 39.74 -14.61 -15.50
N ILE C 182 39.77 -15.06 -16.75
CA ILE C 182 40.49 -16.29 -17.08
C ILE C 182 41.31 -16.19 -18.37
N ASN C 183 42.51 -16.74 -18.32
CA ASN C 183 43.43 -16.76 -19.46
C ASN C 183 42.84 -17.68 -20.52
N THR C 184 42.76 -17.15 -21.72
CA THR C 184 42.18 -17.90 -22.82
C THR C 184 42.66 -17.24 -24.10
N THR C 185 42.30 -17.85 -25.22
CA THR C 185 42.71 -17.34 -26.53
C THR C 185 41.52 -17.18 -27.48
N THR C 186 41.83 -16.97 -28.76
CA THR C 186 40.80 -16.79 -29.77
C THR C 186 39.98 -18.04 -29.99
N ASN C 187 38.70 -17.84 -30.31
CA ASN C 187 37.72 -18.89 -30.60
C ASN C 187 37.49 -19.93 -29.47
N GLU C 188 37.73 -19.56 -28.20
CA GLU C 188 37.47 -20.43 -27.07
C GLU C 188 36.11 -19.99 -26.58
N ILE C 189 35.15 -20.90 -26.45
CA ILE C 189 33.82 -20.46 -26.06
C ILE C 189 33.52 -20.74 -24.60
N PHE C 190 32.89 -19.77 -23.97
CA PHE C 190 32.49 -19.84 -22.56
C PHE C 190 31.03 -19.45 -22.44
N TYR C 191 30.41 -19.81 -21.32
CA TYR C 191 29.00 -19.57 -21.15
C TYR C 191 28.74 -18.95 -19.79
N CYS C 192 27.75 -18.01 -19.73
CA CYS C 192 27.14 -17.58 -18.48
C CYS C 192 25.65 -17.94 -18.53
N THR C 193 25.19 -18.70 -17.56
CA THR C 193 23.77 -18.98 -17.44
C THR C 193 23.24 -18.25 -16.21
N PHE C 194 22.14 -17.54 -16.40
CA PHE C 194 21.48 -16.82 -15.32
C PHE C 194 20.37 -17.69 -14.76
N ARG C 195 20.46 -18.03 -13.48
CA ARG C 195 19.47 -18.91 -12.87
C ARG C 195 18.94 -18.23 -11.63
N ARG C 196 17.62 -18.14 -11.56
CA ARG C 196 16.93 -17.53 -10.45
C ARG C 196 15.83 -18.42 -9.94
N LEU C 197 15.29 -18.04 -8.80
CA LEU C 197 14.26 -18.83 -8.18
C LEU C 197 12.86 -18.46 -8.58
N ASP C 198 11.92 -18.47 -7.64
CA ASP C 198 10.53 -18.20 -7.98
C ASP C 198 10.18 -19.21 -9.05
N PRO C 199 9.49 -18.77 -10.10
CA PRO C 199 9.15 -19.68 -11.20
C PRO C 199 10.47 -20.10 -11.85
N GLU C 200 11.11 -21.12 -11.28
CA GLU C 200 12.41 -21.56 -11.76
C GLU C 200 12.63 -21.29 -13.23
N GLU C 201 13.61 -20.44 -13.52
CA GLU C 201 13.91 -20.05 -14.88
C GLU C 201 15.37 -19.89 -15.10
N ASN C 202 15.84 -20.16 -16.32
CA ASN C 202 17.26 -20.01 -16.67
C ASN C 202 17.44 -19.60 -18.13
N HIS C 203 18.46 -18.75 -18.31
CA HIS C 203 18.81 -18.22 -19.63
C HIS C 203 20.33 -18.26 -19.78
N THR C 204 20.83 -18.94 -20.82
CA THR C 204 22.26 -19.21 -20.99
C THR C 204 22.80 -18.49 -22.22
N ALA C 205 23.80 -17.65 -22.02
CA ALA C 205 24.47 -16.90 -23.08
C ALA C 205 25.79 -17.56 -23.47
N GLU C 206 26.17 -17.43 -24.74
CA GLU C 206 27.46 -17.90 -25.23
C GLU C 206 28.39 -16.72 -25.53
N LEU C 207 29.62 -16.78 -25.00
CA LEU C 207 30.63 -15.77 -25.28
C LEU C 207 31.78 -16.41 -26.07
N VAL C 208 32.05 -15.88 -27.25
CA VAL C 208 33.10 -16.40 -28.14
C VAL C 208 34.27 -15.43 -28.16
N ILE C 209 35.43 -15.88 -27.72
CA ILE C 209 36.58 -14.97 -27.62
C ILE C 209 36.93 -14.48 -29.02
N PRO C 210 37.04 -13.19 -29.26
CA PRO C 210 37.42 -12.70 -30.58
C PRO C 210 38.93 -12.74 -30.76
N GLU C 211 39.35 -12.77 -32.04
CA GLU C 211 40.78 -12.72 -32.36
C GLU C 211 41.40 -11.47 -31.78
N LEU C 212 40.72 -10.33 -31.91
CA LEU C 212 41.26 -9.03 -31.52
C LEU C 212 40.36 -8.35 -30.48
N PRO C 213 40.29 -8.88 -29.27
CA PRO C 213 39.37 -8.31 -28.29
C PRO C 213 39.82 -6.93 -27.88
N LEU C 214 38.90 -6.17 -27.31
CA LEU C 214 39.24 -4.86 -26.76
C LEU C 214 40.05 -5.05 -25.48
N ALA C 215 40.49 -3.95 -24.88
CA ALA C 215 41.16 -4.03 -23.59
C ALA C 215 40.69 -2.87 -22.70
N HIS C 216 40.53 -3.15 -21.40
CA HIS C 216 40.23 -2.11 -20.38
C HIS C 216 40.73 -2.59 -19.01
#